data_6YPQ
#
_entry.id   6YPQ
#
_cell.length_a   187.169
_cell.length_b   187.169
_cell.length_c   59.927
_cell.angle_alpha   90.000
_cell.angle_beta   90.000
_cell.angle_gamma   120.000
#
_symmetry.space_group_name_H-M   'H 3 2'
#
loop_
_entity.id
_entity.type
_entity.pdbx_description
1 polymer 'C-phycocyanin alpha chain'
2 polymer 'C-phycocyanin beta chain'
3 non-polymer PHYCOCYANOBILIN
4 non-polymer GLYCINE
5 non-polymer LYSINE
6 water water
#
loop_
_entity_poly.entity_id
_entity_poly.type
_entity_poly.pdbx_seq_one_letter_code
_entity_poly.pdbx_strand_id
1 'polypeptide(L)'
;MKTPITEAIAAADTQGRFLSNTELQAVDGRFKRAVASMEAARALTNNAQSLIDGAAQAVYQKFPYTTTMQGSQYASTPEG
KAKCARDIGYYLRMVTYCLVAGGTGPMDEYLIAGLSEINSTFDLSPSWYIEALKYIKANHGLTGQAAVEANAYIDYAINA
LS
;
A
2 'polypeptide(L)'
;MLDAFAKVVAQADARGEFLTNAQFDALSNLVKEGNKRLDAVNRITSNASTIVANAARALFAEQPQLIQPGG(MEN)AYTN
RRMAACLRDMEIILRYVTYAILAGDSSVLDDRCLNGLRETYQALGTPGSSVAVAIQKMKDAAIAIANDPNGITPGDCSAL
MSEIAGYFDRAAAAVA
;
B
#
loop_
_chem_comp.id
_chem_comp.type
_chem_comp.name
_chem_comp.formula
CYC non-polymer PHYCOCYANOBILIN 'C33 H40 N4 O6'
#
# COMPACT_ATOMS: atom_id res chain seq x y z
N MET A 1 -1.24 3.39 -4.90
CA MET A 1 -2.56 3.45 -4.23
C MET A 1 -2.42 4.17 -2.90
N LYS A 2 -3.31 5.13 -2.63
CA LYS A 2 -3.22 5.97 -1.43
C LYS A 2 -3.65 5.18 -0.18
N THR A 3 -2.68 4.94 0.70
CA THR A 3 -2.91 4.46 2.06
C THR A 3 -2.03 5.30 2.97
N PRO A 4 -2.22 5.23 4.28
CA PRO A 4 -1.33 5.99 5.17
C PRO A 4 0.13 5.60 5.03
N ILE A 5 0.40 4.33 4.68
CA ILE A 5 1.77 3.86 4.56
C ILE A 5 2.39 4.36 3.27
N THR A 6 1.68 4.24 2.15
CA THR A 6 2.25 4.71 0.89
C THR A 6 2.36 6.23 0.88
N GLU A 7 1.47 6.94 1.57
CA GLU A 7 1.61 8.39 1.67
C GLU A 7 2.83 8.77 2.50
N ALA A 8 3.10 8.04 3.57
CA ALA A 8 4.29 8.31 4.37
C ALA A 8 5.56 8.09 3.56
N ILE A 9 5.62 6.97 2.82
CA ILE A 9 6.77 6.68 1.98
C ILE A 9 6.92 7.74 0.90
N ALA A 10 5.81 8.07 0.23
CA ALA A 10 5.87 9.04 -0.86
C ALA A 10 6.33 10.39 -0.38
N ALA A 11 5.99 10.76 0.85
CA ALA A 11 6.46 12.03 1.39
C ALA A 11 7.96 12.00 1.58
N ALA A 12 8.46 10.98 2.26
CA ALA A 12 9.90 10.84 2.40
C ALA A 12 10.59 10.83 1.04
N ASP A 13 10.06 10.07 0.09
CA ASP A 13 10.72 9.92 -1.20
C ASP A 13 10.74 11.23 -1.99
N THR A 14 9.64 11.99 -1.98
CA THR A 14 9.59 13.28 -2.67
C THR A 14 10.67 14.21 -2.14
N GLN A 15 10.98 14.11 -0.86
CA GLN A 15 11.98 14.92 -0.20
C GLN A 15 13.38 14.32 -0.29
N GLY A 16 13.53 13.15 -0.94
CA GLY A 16 14.80 12.43 -0.99
C GLY A 16 15.33 11.99 0.37
N ARG A 17 14.45 11.68 1.30
CA ARG A 17 14.81 11.45 2.70
CA ARG A 17 14.81 11.45 2.70
C ARG A 17 14.50 10.02 3.13
N PHE A 18 15.30 9.50 4.06
CA PHE A 18 14.91 8.33 4.80
C PHE A 18 13.64 8.64 5.59
N LEU A 19 12.89 7.59 5.93
CA LEU A 19 11.76 7.76 6.82
C LEU A 19 12.24 8.30 8.16
N SER A 20 11.46 9.18 8.75
CA SER A 20 11.75 9.73 10.05
C SER A 20 10.62 9.36 10.99
N ASN A 21 10.82 9.76 12.23
CA ASN A 21 9.82 9.49 13.23
C ASN A 21 8.49 10.10 12.87
N THR A 22 8.56 11.22 12.16
CA THR A 22 7.37 11.90 11.69
C THR A 22 6.47 10.93 10.92
N GLU A 23 7.06 10.09 10.05
CA GLU A 23 6.32 9.15 9.23
C GLU A 23 5.97 7.86 9.98
N LEU A 24 6.85 7.37 10.85
CA LEU A 24 6.56 6.15 11.58
C LEU A 24 5.35 6.31 12.49
N GLN A 25 5.16 7.51 13.04
CA GLN A 25 3.97 7.78 13.86
C GLN A 25 2.69 7.64 13.02
N ALA A 26 2.73 8.10 11.78
CA ALA A 26 1.55 8.01 10.93
C ALA A 26 1.17 6.55 10.70
N VAL A 27 2.18 5.70 10.50
CA VAL A 27 1.91 4.30 10.29
C VAL A 27 1.42 3.63 11.57
N ASP A 28 1.99 4.00 12.72
CA ASP A 28 1.43 3.46 13.96
C ASP A 28 -0.04 3.84 14.11
N GLY A 29 -0.40 5.09 13.76
CA GLY A 29 -1.80 5.47 13.85
C GLY A 29 -2.69 4.59 13.00
N ARG A 30 -2.22 4.27 11.79
CA ARG A 30 -2.93 3.36 10.91
C ARG A 30 -3.04 1.97 11.52
N PHE A 31 -1.93 1.44 12.07
CA PHE A 31 -2.00 0.10 12.66
C PHE A 31 -2.98 0.06 13.83
N LYS A 32 -3.04 1.11 14.64
CA LYS A 32 -3.97 1.12 15.76
C LYS A 32 -5.41 1.24 15.27
N ARG A 33 -5.65 2.11 14.30
CA ARG A 33 -7.03 2.29 13.78
C ARG A 33 -7.52 1.05 13.04
N ALA A 34 -6.59 0.23 12.54
CA ALA A 34 -6.95 -0.95 11.78
C ALA A 34 -7.80 -1.90 12.58
N VAL A 35 -7.72 -1.87 13.90
CA VAL A 35 -8.59 -2.74 14.69
C VAL A 35 -10.06 -2.44 14.37
N ALA A 36 -10.44 -1.16 14.48
CA ALA A 36 -11.80 -0.75 14.14
C ALA A 36 -12.09 -0.92 12.66
N SER A 37 -11.13 -0.59 11.78
CA SER A 37 -11.39 -0.68 10.35
C SER A 37 -11.66 -2.11 9.92
N MET A 38 -10.90 -3.07 10.47
CA MET A 38 -11.07 -4.47 10.10
C MET A 38 -12.38 -5.01 10.64
N GLU A 39 -12.80 -4.60 11.85
CA GLU A 39 -14.11 -4.99 12.34
CA GLU A 39 -14.11 -4.99 12.34
C GLU A 39 -15.19 -4.54 11.37
N ALA A 40 -15.12 -3.29 10.91
CA ALA A 40 -16.11 -2.79 9.97
C ALA A 40 -16.06 -3.56 8.65
N ALA A 41 -14.85 -3.81 8.14
CA ALA A 41 -14.73 -4.46 6.84
C ALA A 41 -15.31 -5.88 6.88
N ARG A 42 -15.02 -6.62 7.95
CA ARG A 42 -15.55 -7.97 8.10
C ARG A 42 -17.07 -7.96 8.21
N ALA A 43 -17.63 -7.03 8.99
CA ALA A 43 -19.08 -6.98 9.16
C ALA A 43 -19.79 -6.65 7.85
N LEU A 44 -19.30 -5.63 7.13
CA LEU A 44 -19.89 -5.26 5.85
C LEU A 44 -19.80 -6.40 4.85
N THR A 45 -18.70 -7.15 4.89
CA THR A 45 -18.55 -8.29 4.00
C THR A 45 -19.51 -9.40 4.37
N ASN A 46 -19.59 -9.72 5.67
CA ASN A 46 -20.46 -10.82 6.11
C ASN A 46 -21.92 -10.56 5.75
N ASN A 47 -22.35 -9.31 5.82
CA ASN A 47 -23.73 -8.91 5.53
C ASN A 47 -23.86 -8.25 4.16
N ALA A 48 -22.93 -8.53 3.25
CA ALA A 48 -22.93 -7.79 1.99
C ALA A 48 -24.21 -8.03 1.18
N GLN A 49 -24.67 -9.29 1.10
CA GLN A 49 -25.82 -9.56 0.24
C GLN A 49 -27.06 -8.84 0.74
N SER A 50 -27.33 -8.89 2.04
CA SER A 50 -28.55 -8.24 2.55
C SER A 50 -28.44 -6.73 2.40
N LEU A 51 -27.24 -6.18 2.63
CA LEU A 51 -27.04 -4.74 2.43
C LEU A 51 -27.25 -4.32 0.98
N ILE A 52 -26.69 -5.09 0.03
CA ILE A 52 -26.86 -4.77 -1.39
C ILE A 52 -28.34 -4.87 -1.78
N ASP A 53 -28.99 -5.97 -1.38
CA ASP A 53 -30.39 -6.18 -1.73
C ASP A 53 -31.26 -5.10 -1.14
N GLY A 54 -31.04 -4.76 0.13
CA GLY A 54 -31.82 -3.71 0.76
C GLY A 54 -31.54 -2.35 0.16
N ALA A 55 -30.28 -2.09 -0.20
CA ALA A 55 -29.93 -0.79 -0.76
C ALA A 55 -30.58 -0.59 -2.13
N ALA A 56 -30.56 -1.64 -2.97
CA ALA A 56 -31.20 -1.50 -4.27
C ALA A 56 -32.68 -1.17 -4.11
N GLN A 57 -33.35 -1.86 -3.19
CA GLN A 57 -34.78 -1.56 -3.00
CA GLN A 57 -34.77 -1.58 -2.99
C GLN A 57 -34.99 -0.16 -2.45
N ALA A 58 -34.07 0.34 -1.61
CA ALA A 58 -34.20 1.71 -1.15
C ALA A 58 -34.15 2.68 -2.32
N VAL A 59 -33.28 2.42 -3.30
CA VAL A 59 -33.24 3.28 -4.48
C VAL A 59 -34.56 3.23 -5.23
N TYR A 60 -35.07 2.02 -5.47
CA TYR A 60 -36.30 1.88 -6.22
C TYR A 60 -37.48 2.51 -5.50
N GLN A 61 -37.47 2.48 -4.17
CA GLN A 61 -38.52 3.13 -3.40
C GLN A 61 -38.42 4.65 -3.45
N LYS A 62 -37.20 5.18 -3.40
CA LYS A 62 -37.05 6.63 -3.47
CA LYS A 62 -37.03 6.63 -3.47
C LYS A 62 -37.34 7.16 -4.86
N PHE A 63 -37.01 6.39 -5.89
CA PHE A 63 -37.10 6.79 -7.29
C PHE A 63 -37.91 5.75 -8.07
N PRO A 64 -39.23 5.69 -7.85
CA PRO A 64 -40.02 4.61 -8.47
C PRO A 64 -39.91 4.57 -9.98
N TYR A 65 -39.68 5.71 -10.64
CA TYR A 65 -39.57 5.71 -12.09
C TYR A 65 -38.45 4.80 -12.59
N THR A 66 -37.42 4.54 -11.77
CA THR A 66 -36.33 3.67 -12.21
C THR A 66 -36.79 2.24 -12.44
N THR A 67 -37.96 1.86 -11.91
CA THR A 67 -38.48 0.49 -12.06
C THR A 67 -39.41 0.37 -13.27
N THR A 68 -39.86 1.50 -13.84
CA THR A 68 -40.88 1.48 -14.88
C THR A 68 -40.48 2.18 -16.18
N MET A 69 -39.60 3.17 -16.11
CA MET A 69 -39.31 3.97 -17.30
C MET A 69 -38.52 3.15 -18.30
N GLN A 70 -38.88 3.31 -19.57
CA GLN A 70 -38.25 2.57 -20.65
C GLN A 70 -36.86 3.16 -20.92
N GLY A 71 -35.88 2.29 -21.01
CA GLY A 71 -34.52 2.70 -21.38
C GLY A 71 -33.53 1.80 -20.69
N SER A 72 -32.42 1.54 -21.36
CA SER A 72 -31.44 0.62 -20.78
C SER A 72 -30.70 1.21 -19.59
N GLN A 73 -30.77 2.52 -19.36
CA GLN A 73 -30.16 3.12 -18.17
C GLN A 73 -30.97 2.89 -16.91
N TYR A 74 -32.19 2.38 -17.03
CA TYR A 74 -33.09 2.18 -15.90
C TYR A 74 -33.17 0.72 -15.51
N ALA A 75 -33.73 0.49 -14.33
CA ALA A 75 -33.89 -0.85 -13.77
C ALA A 75 -35.29 -1.40 -14.04
N SER A 76 -35.79 -1.19 -15.25
CA SER A 76 -37.13 -1.61 -15.64
C SER A 76 -37.14 -2.90 -16.44
N THR A 77 -36.00 -3.58 -16.53
CA THR A 77 -35.83 -4.88 -17.18
C THR A 77 -34.99 -5.75 -16.26
N PRO A 78 -34.99 -7.07 -16.47
CA PRO A 78 -34.09 -7.90 -15.66
C PRO A 78 -32.64 -7.51 -15.81
N GLU A 79 -32.21 -7.14 -17.02
CA GLU A 79 -30.83 -6.77 -17.25
C GLU A 79 -30.47 -5.52 -16.48
N GLY A 80 -31.37 -4.54 -16.46
CA GLY A 80 -31.10 -3.31 -15.74
C GLY A 80 -31.09 -3.49 -14.24
N LYS A 81 -32.01 -4.33 -13.71
CA LYS A 81 -31.97 -4.67 -12.30
C LYS A 81 -30.64 -5.31 -11.92
N ALA A 82 -30.12 -6.18 -12.79
CA ALA A 82 -28.85 -6.83 -12.51
C ALA A 82 -27.68 -5.85 -12.58
N LYS A 83 -27.70 -4.92 -13.54
CA LYS A 83 -26.66 -3.89 -13.58
C LYS A 83 -26.66 -3.07 -12.29
N CYS A 84 -27.85 -2.72 -11.81
CA CYS A 84 -27.93 -1.87 -10.63
C CYS A 84 -27.43 -2.60 -9.39
N ALA A 85 -27.85 -3.85 -9.21
CA ALA A 85 -27.36 -4.64 -8.08
C ALA A 85 -25.85 -4.82 -8.16
N ARG A 86 -25.34 -5.05 -9.38
CA ARG A 86 -23.89 -5.14 -9.57
C ARG A 86 -23.21 -3.86 -9.12
N ASP A 87 -23.69 -2.72 -9.58
CA ASP A 87 -23.04 -1.45 -9.24
C ASP A 87 -23.07 -1.21 -7.73
N ILE A 88 -24.21 -1.44 -7.08
CA ILE A 88 -24.27 -1.23 -5.64
C ILE A 88 -23.28 -2.15 -4.93
N GLY A 89 -23.18 -3.40 -5.37
CA GLY A 89 -22.16 -4.29 -4.84
C GLY A 89 -20.75 -3.75 -5.06
N TYR A 90 -20.49 -3.11 -6.20
CA TYR A 90 -19.19 -2.48 -6.42
C TYR A 90 -18.90 -1.43 -5.37
N TYR A 91 -19.87 -0.54 -5.12
CA TYR A 91 -19.66 0.49 -4.11
C TYR A 91 -19.35 -0.13 -2.76
N LEU A 92 -20.14 -1.13 -2.34
CA LEU A 92 -19.91 -1.71 -1.02
C LEU A 92 -18.56 -2.40 -0.96
N ARG A 93 -18.20 -3.12 -2.03
CA ARG A 93 -16.89 -3.76 -2.09
C ARG A 93 -15.78 -2.73 -1.95
N MET A 94 -15.93 -1.58 -2.59
CA MET A 94 -14.90 -0.55 -2.51
C MET A 94 -14.80 0.00 -1.10
N VAL A 95 -15.93 0.17 -0.40
CA VAL A 95 -15.87 0.59 1.00
C VAL A 95 -15.05 -0.41 1.81
N THR A 96 -15.29 -1.71 1.63
CA THR A 96 -14.53 -2.68 2.41
C THR A 96 -13.04 -2.61 2.07
N TYR A 97 -12.71 -2.36 0.80
CA TYR A 97 -11.30 -2.24 0.41
C TYR A 97 -10.65 -1.03 1.07
N CYS A 98 -11.35 0.11 1.13
CA CYS A 98 -10.79 1.27 1.80
C CYS A 98 -10.52 0.96 3.26
N LEU A 99 -11.45 0.26 3.90
CA LEU A 99 -11.26 -0.12 5.30
C LEU A 99 -10.04 -1.01 5.48
N VAL A 100 -9.86 -2.00 4.60
CA VAL A 100 -8.72 -2.92 4.64
C VAL A 100 -7.41 -2.18 4.42
N ALA A 101 -7.39 -1.27 3.45
CA ALA A 101 -6.19 -0.53 3.10
C ALA A 101 -5.93 0.65 4.00
N GLY A 102 -6.90 1.07 4.81
CA GLY A 102 -6.75 2.22 5.67
C GLY A 102 -6.81 3.56 4.99
N GLY A 103 -7.37 3.64 3.78
CA GLY A 103 -7.49 4.92 3.14
C GLY A 103 -8.33 4.83 1.89
N THR A 104 -8.43 5.96 1.19
CA THR A 104 -9.36 6.08 0.09
C THR A 104 -8.84 5.51 -1.23
N GLY A 105 -7.57 5.10 -1.30
CA GLY A 105 -6.93 4.71 -2.53
C GLY A 105 -7.72 3.74 -3.39
N PRO A 106 -8.25 2.65 -2.82
CA PRO A 106 -8.97 1.69 -3.66
C PRO A 106 -10.17 2.33 -4.35
N MET A 107 -10.98 3.07 -3.60
CA MET A 107 -12.14 3.70 -4.20
C MET A 107 -11.73 4.78 -5.19
N ASP A 108 -10.69 5.55 -4.85
CA ASP A 108 -10.20 6.58 -5.76
C ASP A 108 -9.82 5.97 -7.11
N GLU A 109 -9.06 4.88 -7.09
CA GLU A 109 -8.50 4.34 -8.32
C GLU A 109 -9.52 3.53 -9.11
N TYR A 110 -10.31 2.70 -8.45
CA TYR A 110 -11.17 1.75 -9.16
C TYR A 110 -12.55 2.29 -9.46
N LEU A 111 -12.98 3.35 -8.76
CA LEU A 111 -14.36 3.83 -8.91
C LEU A 111 -14.47 5.34 -9.15
N ILE A 112 -13.76 6.18 -8.38
CA ILE A 112 -14.01 7.62 -8.48
C ILE A 112 -13.36 8.23 -9.72
N ALA A 113 -12.15 7.82 -10.07
CA ALA A 113 -11.54 8.29 -11.31
C ALA A 113 -12.43 7.84 -12.47
N GLY A 114 -12.90 8.81 -13.25
CA GLY A 114 -13.82 8.54 -14.36
C GLY A 114 -15.29 8.47 -14.00
N LEU A 115 -15.64 8.59 -12.72
CA LEU A 115 -17.04 8.42 -12.28
C LEU A 115 -17.96 9.42 -12.97
N SER A 116 -17.60 10.69 -12.96
CA SER A 116 -18.46 11.71 -13.57
CA SER A 116 -18.46 11.71 -13.57
CA SER A 116 -18.46 11.71 -13.57
C SER A 116 -18.67 11.42 -15.05
N GLU A 117 -17.63 11.00 -15.75
CA GLU A 117 -17.74 10.72 -17.17
C GLU A 117 -18.67 9.55 -17.43
N ILE A 118 -18.56 8.50 -16.61
CA ILE A 118 -19.41 7.33 -16.80
C ILE A 118 -20.87 7.68 -16.53
N ASN A 119 -21.14 8.41 -15.44
CA ASN A 119 -22.52 8.69 -15.13
C ASN A 119 -23.16 9.58 -16.19
N SER A 120 -22.40 10.53 -16.74
CA SER A 120 -22.93 11.37 -17.81
C SER A 120 -23.11 10.59 -19.10
N THR A 121 -22.13 9.77 -19.45
CA THR A 121 -22.21 9.06 -20.72
C THR A 121 -23.37 8.08 -20.75
N PHE A 122 -23.57 7.33 -19.66
CA PHE A 122 -24.56 6.28 -19.62
C PHE A 122 -25.88 6.75 -19.02
N ASP A 123 -26.00 8.04 -18.70
CA ASP A 123 -27.23 8.63 -18.16
C ASP A 123 -27.64 7.96 -16.84
N LEU A 124 -26.69 7.76 -15.96
CA LEU A 124 -26.93 7.22 -14.63
C LEU A 124 -26.97 8.39 -13.65
N SER A 125 -27.97 8.43 -12.77
CA SER A 125 -28.11 9.60 -11.90
C SER A 125 -27.29 9.42 -10.62
N PRO A 126 -26.41 10.37 -10.27
CA PRO A 126 -25.67 10.25 -8.99
C PRO A 126 -26.58 10.08 -7.80
N SER A 127 -27.78 10.68 -7.81
CA SER A 127 -28.68 10.57 -6.67
CA SER A 127 -28.69 10.58 -6.69
C SER A 127 -29.10 9.14 -6.39
N TRP A 128 -29.15 8.29 -7.42
CA TRP A 128 -29.50 6.89 -7.19
C TRP A 128 -28.47 6.25 -6.25
N TYR A 129 -27.21 6.47 -6.54
CA TYR A 129 -26.13 5.85 -5.78
C TYR A 129 -26.01 6.47 -4.40
N ILE A 130 -26.25 7.79 -4.29
CA ILE A 130 -26.29 8.41 -2.98
C ILE A 130 -27.33 7.75 -2.09
N GLU A 131 -28.51 7.45 -2.63
CA GLU A 131 -29.54 6.82 -1.81
C GLU A 131 -29.11 5.43 -1.37
N ALA A 132 -28.49 4.65 -2.27
CA ALA A 132 -28.01 3.33 -1.87
C ALA A 132 -27.00 3.44 -0.73
N LEU A 133 -26.08 4.39 -0.84
CA LEU A 133 -25.06 4.57 0.19
C LEU A 133 -25.68 5.02 1.50
N LYS A 134 -26.67 5.91 1.46
CA LYS A 134 -27.35 6.30 2.69
C LYS A 134 -28.01 5.10 3.36
N TYR A 135 -28.59 4.20 2.56
CA TYR A 135 -29.20 3.01 3.15
C TYR A 135 -28.16 2.15 3.84
N ILE A 136 -27.02 1.95 3.19
CA ILE A 136 -25.95 1.13 3.78
C ILE A 136 -25.50 1.75 5.10
N LYS A 137 -25.29 3.07 5.11
CA LYS A 137 -24.88 3.76 6.33
C LYS A 137 -25.90 3.56 7.45
N ALA A 138 -27.19 3.66 7.11
CA ALA A 138 -28.21 3.59 8.14
C ALA A 138 -28.34 2.18 8.69
N ASN A 139 -28.01 1.16 7.91
CA ASN A 139 -28.42 -0.21 8.20
C ASN A 139 -27.26 -1.20 8.31
N HIS A 140 -26.01 -0.75 8.34
CA HIS A 140 -24.91 -1.70 8.44
C HIS A 140 -24.81 -2.36 9.81
N GLY A 141 -25.48 -1.83 10.82
CA GLY A 141 -25.48 -2.48 12.12
C GLY A 141 -24.26 -2.27 12.98
N LEU A 142 -23.32 -1.43 12.56
CA LEU A 142 -22.10 -1.21 13.31
C LEU A 142 -22.32 -0.15 14.38
N THR A 143 -21.48 -0.18 15.40
CA THR A 143 -21.48 0.81 16.49
C THR A 143 -20.05 1.24 16.76
N GLY A 144 -19.90 2.24 17.62
CA GLY A 144 -18.58 2.63 18.07
C GLY A 144 -17.70 3.08 16.93
N GLN A 145 -16.40 2.87 17.09
CA GLN A 145 -15.44 3.36 16.11
C GLN A 145 -15.48 2.55 14.82
N ALA A 146 -15.96 1.31 14.84
CA ALA A 146 -16.19 0.60 13.59
C ALA A 146 -17.20 1.35 12.73
N ALA A 147 -18.29 1.84 13.35
CA ALA A 147 -19.25 2.64 12.59
C ALA A 147 -18.62 3.93 12.07
N VAL A 148 -17.81 4.59 12.88
CA VAL A 148 -17.13 5.81 12.44
C VAL A 148 -16.27 5.52 11.20
N GLU A 149 -15.54 4.41 11.22
CA GLU A 149 -14.73 4.02 10.06
C GLU A 149 -15.60 3.78 8.83
N ALA A 150 -16.62 2.92 8.95
CA ALA A 150 -17.46 2.64 7.79
C ALA A 150 -18.06 3.93 7.25
N ASN A 151 -18.59 4.77 8.15
CA ASN A 151 -19.31 5.95 7.70
C ASN A 151 -18.38 6.95 7.05
N ALA A 152 -17.12 7.02 7.49
CA ALA A 152 -16.18 7.92 6.84
C ALA A 152 -16.05 7.60 5.36
N TYR A 153 -15.89 6.31 5.02
CA TYR A 153 -15.73 5.96 3.61
C TYR A 153 -17.05 5.99 2.84
N ILE A 154 -18.18 5.67 3.47
CA ILE A 154 -19.47 5.82 2.81
C ILE A 154 -19.73 7.28 2.49
N ASP A 155 -19.49 8.17 3.45
CA ASP A 155 -19.70 9.60 3.23
C ASP A 155 -18.71 10.16 2.21
N TYR A 156 -17.49 9.60 2.15
CA TYR A 156 -16.54 9.99 1.12
C TYR A 156 -17.12 9.71 -0.26
N ALA A 157 -17.69 8.52 -0.45
CA ALA A 157 -18.35 8.21 -1.72
C ALA A 157 -19.52 9.15 -2.01
N ILE A 158 -20.34 9.44 -1.00
CA ILE A 158 -21.45 10.36 -1.21
C ILE A 158 -20.92 11.72 -1.65
N ASN A 159 -19.87 12.21 -1.01
CA ASN A 159 -19.27 13.48 -1.41
C ASN A 159 -18.78 13.43 -2.85
N ALA A 160 -18.19 12.31 -3.26
CA ALA A 160 -17.69 12.19 -4.63
C ALA A 160 -18.80 12.25 -5.67
N LEU A 161 -20.02 11.85 -5.29
CA LEU A 161 -21.20 11.87 -6.16
C LEU A 161 -21.95 13.19 -6.10
N SER A 162 -21.52 14.12 -5.26
CA SER A 162 -22.26 15.35 -5.03
C SER A 162 -21.61 16.56 -5.70
N MET B 1 2.72 2.43 -6.32
CA MET B 1 3.28 1.79 -5.09
C MET B 1 2.16 1.10 -4.32
N LEU B 2 2.45 -0.10 -3.83
CA LEU B 2 1.54 -0.84 -2.98
C LEU B 2 2.21 -1.11 -1.64
N ASP B 3 1.41 -1.13 -0.59
CA ASP B 3 1.82 -1.77 0.66
C ASP B 3 1.18 -3.15 0.72
N ALA B 4 1.44 -3.88 1.80
CA ALA B 4 0.95 -5.25 1.89
C ALA B 4 -0.58 -5.33 1.85
N PHE B 5 -1.26 -4.31 2.36
CA PHE B 5 -2.72 -4.28 2.38
C PHE B 5 -3.27 -3.98 0.99
N ALA B 6 -2.73 -2.95 0.34
CA ALA B 6 -3.12 -2.63 -1.02
C ALA B 6 -2.87 -3.78 -1.98
N LYS B 7 -1.82 -4.58 -1.74
CA LYS B 7 -1.55 -5.71 -2.63
C LYS B 7 -2.69 -6.71 -2.59
N VAL B 8 -3.18 -7.03 -1.40
CA VAL B 8 -4.30 -7.96 -1.26
C VAL B 8 -5.56 -7.39 -1.90
N VAL B 9 -5.83 -6.10 -1.66
CA VAL B 9 -6.97 -5.43 -2.28
C VAL B 9 -6.88 -5.49 -3.80
N ALA B 10 -5.70 -5.24 -4.36
CA ALA B 10 -5.56 -5.22 -5.82
C ALA B 10 -5.84 -6.60 -6.39
N GLN B 11 -5.35 -7.65 -5.73
CA GLN B 11 -5.61 -8.99 -6.22
C GLN B 11 -7.10 -9.31 -6.16
N ALA B 12 -7.77 -8.87 -5.08
CA ALA B 12 -9.19 -9.14 -4.95
C ALA B 12 -9.99 -8.36 -5.98
N ASP B 13 -9.62 -7.11 -6.26
CA ASP B 13 -10.38 -6.33 -7.23
C ASP B 13 -10.31 -6.95 -8.62
N ALA B 14 -9.14 -7.45 -9.01
CA ALA B 14 -9.02 -8.09 -10.31
C ALA B 14 -9.94 -9.30 -10.43
N ARG B 15 -10.30 -9.95 -9.32
CA ARG B 15 -11.28 -11.04 -9.31
C ARG B 15 -12.70 -10.57 -9.05
N GLY B 16 -12.89 -9.29 -8.74
CA GLY B 16 -14.18 -8.77 -8.34
C GLY B 16 -14.71 -9.30 -7.03
N GLU B 17 -13.84 -9.62 -6.07
CA GLU B 17 -14.25 -10.36 -4.88
C GLU B 17 -14.06 -9.57 -3.60
N PHE B 18 -15.00 -9.77 -2.67
CA PHE B 18 -14.75 -9.38 -1.29
C PHE B 18 -13.64 -10.28 -0.71
N LEU B 19 -13.02 -9.81 0.36
CA LEU B 19 -11.99 -10.63 1.01
C LEU B 19 -12.61 -11.81 1.76
N THR B 20 -11.84 -12.89 1.84
CA THR B 20 -12.22 -14.04 2.63
C THR B 20 -11.77 -13.86 4.07
N ASN B 21 -12.31 -14.72 4.94
CA ASN B 21 -11.92 -14.68 6.34
CA ASN B 21 -11.92 -14.69 6.34
C ASN B 21 -10.42 -14.93 6.51
N ALA B 22 -9.85 -15.84 5.72
CA ALA B 22 -8.42 -16.10 5.82
C ALA B 22 -7.62 -14.87 5.43
N GLN B 23 -8.08 -14.13 4.41
CA GLN B 23 -7.36 -12.93 3.99
C GLN B 23 -7.46 -11.84 5.05
N PHE B 24 -8.64 -11.67 5.64
CA PHE B 24 -8.78 -10.74 6.75
C PHE B 24 -7.83 -11.13 7.89
N ASP B 25 -7.80 -12.42 8.23
CA ASP B 25 -6.93 -12.89 9.31
C ASP B 25 -5.47 -12.58 9.01
N ALA B 26 -5.03 -12.82 7.78
CA ALA B 26 -3.64 -12.56 7.44
C ALA B 26 -3.29 -11.10 7.59
N LEU B 27 -4.18 -10.20 7.18
CA LEU B 27 -3.91 -8.77 7.33
C LEU B 27 -3.99 -8.34 8.79
N SER B 28 -4.91 -8.91 9.56
CA SER B 28 -4.93 -8.61 11.00
C SER B 28 -3.63 -9.04 11.66
N ASN B 29 -3.08 -10.17 11.23
CA ASN B 29 -1.81 -10.61 11.81
C ASN B 29 -0.66 -9.66 11.47
N LEU B 30 -0.65 -9.11 10.25
CA LEU B 30 0.37 -8.12 9.92
C LEU B 30 0.28 -6.92 10.85
N VAL B 31 -0.94 -6.47 11.13
CA VAL B 31 -1.12 -5.34 12.05
C VAL B 31 -0.60 -5.71 13.44
N LYS B 32 -0.92 -6.92 13.90
CA LYS B 32 -0.51 -7.31 15.24
C LYS B 32 1.01 -7.38 15.37
N GLU B 33 1.71 -7.63 14.28
CA GLU B 33 3.18 -7.67 14.26
C GLU B 33 3.79 -6.31 13.96
N GLY B 34 2.98 -5.26 13.86
CA GLY B 34 3.44 -3.99 13.34
C GLY B 34 4.49 -3.30 14.18
N ASN B 35 4.44 -3.45 15.51
CA ASN B 35 5.45 -2.80 16.33
C ASN B 35 6.85 -3.26 15.95
N LYS B 36 7.03 -4.56 15.71
CA LYS B 36 8.34 -5.07 15.34
C LYS B 36 8.84 -4.43 14.06
N ARG B 37 7.94 -4.27 13.09
CA ARG B 37 8.28 -3.66 11.80
C ARG B 37 8.70 -2.21 12.01
N LEU B 38 7.98 -1.47 12.84
CA LEU B 38 8.39 -0.10 13.14
C LEU B 38 9.76 -0.05 13.81
N ASP B 39 10.01 -0.95 14.77
CA ASP B 39 11.33 -1.00 15.40
C ASP B 39 12.42 -1.24 14.37
N ALA B 40 12.21 -2.18 13.45
CA ALA B 40 13.25 -2.48 12.48
C ALA B 40 13.55 -1.27 11.62
N VAL B 41 12.50 -0.57 11.16
CA VAL B 41 12.73 0.61 10.32
C VAL B 41 13.45 1.70 11.12
N ASN B 42 12.98 1.96 12.33
CA ASN B 42 13.63 2.96 13.18
C ASN B 42 15.10 2.63 13.41
N ARG B 43 15.40 1.38 13.75
CA ARG B 43 16.77 1.00 14.08
C ARG B 43 17.68 1.10 12.86
N ILE B 44 17.24 0.61 11.71
CA ILE B 44 18.08 0.69 10.51
C ILE B 44 18.30 2.14 10.11
N THR B 45 17.21 2.91 10.03
CA THR B 45 17.33 4.31 9.62
C THR B 45 18.23 5.08 10.57
N SER B 46 18.06 4.86 11.87
CA SER B 46 18.83 5.59 12.87
C SER B 46 20.32 5.29 12.80
N ASN B 47 20.71 4.21 12.11
CA ASN B 47 22.11 3.85 11.93
C ASN B 47 22.53 3.89 10.46
N ALA B 48 21.80 4.62 9.63
CA ALA B 48 22.02 4.54 8.19
C ALA B 48 23.43 4.99 7.81
N SER B 49 23.92 6.06 8.42
CA SER B 49 25.22 6.59 7.99
C SER B 49 26.33 5.59 8.26
N THR B 50 26.33 4.94 9.42
CA THR B 50 27.39 3.97 9.69
C THR B 50 27.19 2.67 8.89
N ILE B 51 25.96 2.25 8.66
CA ILE B 51 25.74 1.08 7.80
C ILE B 51 26.40 1.32 6.44
N VAL B 52 26.14 2.49 5.86
CA VAL B 52 26.71 2.80 4.55
C VAL B 52 28.23 2.92 4.62
N ALA B 53 28.73 3.72 5.55
CA ALA B 53 30.16 4.02 5.58
C ALA B 53 30.97 2.78 5.90
N ASN B 54 30.53 1.97 6.86
CA ASN B 54 31.26 0.74 7.17
C ASN B 54 31.27 -0.22 5.99
N ALA B 55 30.14 -0.36 5.31
CA ALA B 55 30.08 -1.27 4.17
C ALA B 55 30.98 -0.78 3.03
N ALA B 56 31.00 0.54 2.81
CA ALA B 56 31.85 1.11 1.78
C ALA B 56 33.33 0.89 2.10
N ARG B 57 33.73 1.21 3.33
CA ARG B 57 35.13 1.01 3.70
C ARG B 57 35.52 -0.44 3.50
N ALA B 58 34.66 -1.38 3.89
CA ALA B 58 35.00 -2.79 3.74
C ALA B 58 35.08 -3.20 2.27
N LEU B 59 34.15 -2.72 1.44
CA LEU B 59 34.23 -3.01 0.01
C LEU B 59 35.56 -2.56 -0.57
N PHE B 60 35.97 -1.32 -0.27
CA PHE B 60 37.20 -0.81 -0.89
C PHE B 60 38.45 -1.49 -0.35
N ALA B 61 38.40 -1.98 0.89
CA ALA B 61 39.52 -2.75 1.43
C ALA B 61 39.64 -4.09 0.72
N GLU B 62 38.51 -4.74 0.44
CA GLU B 62 38.52 -6.03 -0.24
C GLU B 62 38.74 -5.89 -1.74
N GLN B 63 38.34 -4.77 -2.31
CA GLN B 63 38.38 -4.54 -3.76
C GLN B 63 39.13 -3.23 -4.03
N PRO B 64 40.43 -3.20 -3.74
CA PRO B 64 41.20 -1.96 -3.92
C PRO B 64 41.24 -1.46 -5.35
N GLN B 65 40.94 -2.31 -6.33
CA GLN B 65 40.92 -1.85 -7.71
C GLN B 65 39.89 -0.74 -7.94
N LEU B 66 38.82 -0.73 -7.13
CA LEU B 66 37.79 0.29 -7.31
C LEU B 66 38.30 1.68 -7.00
N ILE B 67 39.27 1.80 -6.10
CA ILE B 67 39.77 3.10 -5.67
C ILE B 67 41.14 3.45 -6.25
N GLN B 68 41.82 2.51 -6.91
CA GLN B 68 43.06 2.87 -7.60
CA GLN B 68 43.05 2.86 -7.61
C GLN B 68 42.73 3.86 -8.72
N PRO B 69 43.65 4.74 -9.07
CA PRO B 69 43.42 5.62 -10.21
C PRO B 69 42.95 4.83 -11.42
N GLY B 70 41.90 5.32 -12.08
CA GLY B 70 41.27 4.62 -13.16
C GLY B 70 40.12 3.71 -12.76
N GLY B 71 40.00 3.40 -11.47
CA GLY B 71 38.93 2.54 -11.00
C GLY B 71 37.61 3.26 -10.90
N MEN B 72 36.52 2.51 -10.77
CA MEN B 72 35.23 3.12 -10.92
C MEN B 72 34.85 4.07 -9.78
O MEN B 72 34.02 4.97 -9.96
CB MEN B 72 34.08 2.13 -11.17
CG MEN B 72 32.88 2.81 -11.80
OD1 MEN B 72 31.77 2.78 -11.22
ND2 MEN B 72 33.03 3.43 -13.02
CE2 MEN B 72 31.96 4.09 -13.69
HA MEN B 72 35.32 3.84 -11.79
HB2 MEN B 72 33.80 1.68 -10.18
HB3 MEN B 72 34.47 1.31 -11.82
HD2 MEN B 72 33.92 3.44 -13.47
HE21 MEN B 72 31.71 3.56 -14.65
HE22 MEN B 72 32.24 5.16 -13.92
HE23 MEN B 72 31.04 4.10 -13.03
N ALA B 73 35.47 3.90 -8.62
CA ALA B 73 35.18 4.76 -7.47
C ALA B 73 36.31 5.77 -7.16
N TYR B 74 37.28 5.87 -8.06
CA TYR B 74 38.33 6.87 -7.99
C TYR B 74 37.81 8.23 -8.45
N THR B 75 38.39 9.30 -7.89
CA THR B 75 37.92 10.68 -7.93
C THR B 75 36.82 10.88 -6.90
N ASN B 76 36.72 12.09 -6.35
CA ASN B 76 35.71 12.31 -5.33
C ASN B 76 34.30 12.32 -5.92
N ARG B 77 34.15 12.69 -7.19
CA ARG B 77 32.80 12.66 -7.76
C ARG B 77 32.29 11.24 -7.86
N ARG B 78 33.14 10.31 -8.30
CA ARG B 78 32.70 8.93 -8.41
C ARG B 78 32.55 8.29 -7.04
N MET B 79 33.46 8.58 -6.11
CA MET B 79 33.26 8.08 -4.75
C MET B 79 31.93 8.57 -4.19
N ALA B 80 31.62 9.85 -4.37
CA ALA B 80 30.38 10.39 -3.82
C ALA B 80 29.17 9.73 -4.48
N ALA B 81 29.22 9.50 -5.79
CA ALA B 81 28.13 8.80 -6.48
C ALA B 81 27.96 7.40 -5.94
N CYS B 82 29.07 6.70 -5.66
CA CYS B 82 28.98 5.34 -5.14
C CYS B 82 28.34 5.33 -3.75
N LEU B 83 28.79 6.22 -2.87
CA LEU B 83 28.18 6.32 -1.54
C LEU B 83 26.71 6.68 -1.63
N ARG B 84 26.37 7.59 -2.54
CA ARG B 84 24.99 7.96 -2.76
C ARG B 84 24.16 6.76 -3.17
N ASP B 85 24.66 5.94 -4.11
CA ASP B 85 23.91 4.76 -4.52
C ASP B 85 23.64 3.84 -3.33
N MET B 86 24.64 3.67 -2.47
CA MET B 86 24.47 2.82 -1.31
C MET B 86 23.38 3.36 -0.40
N GLU B 87 23.39 4.69 -0.18
CA GLU B 87 22.34 5.32 0.63
C GLU B 87 20.98 5.16 -0.03
N ILE B 88 20.91 5.32 -1.36
CA ILE B 88 19.64 5.22 -2.08
C ILE B 88 19.07 3.81 -1.92
N ILE B 89 19.91 2.80 -2.15
CA ILE B 89 19.44 1.42 -2.08
C ILE B 89 18.97 1.10 -0.66
N LEU B 90 19.74 1.52 0.34
CA LEU B 90 19.32 1.30 1.73
C LEU B 90 18.00 2.00 2.01
N ARG B 91 17.84 3.22 1.51
CA ARG B 91 16.62 3.98 1.71
C ARG B 91 15.41 3.24 1.14
N TYR B 92 15.52 2.78 -0.11
CA TYR B 92 14.38 2.09 -0.71
C TYR B 92 14.13 0.74 -0.06
N VAL B 93 15.17 0.06 0.43
CA VAL B 93 14.93 -1.16 1.18
C VAL B 93 14.12 -0.85 2.45
N THR B 94 14.46 0.23 3.15
CA THR B 94 13.71 0.54 4.36
C THR B 94 12.27 0.90 4.02
N TYR B 95 12.02 1.55 2.87
CA TYR B 95 10.64 1.80 2.47
C TYR B 95 9.89 0.49 2.29
N ALA B 96 10.53 -0.51 1.67
CA ALA B 96 9.90 -1.81 1.47
C ALA B 96 9.60 -2.47 2.81
N ILE B 97 10.50 -2.34 3.78
CA ILE B 97 10.22 -2.87 5.11
C ILE B 97 8.98 -2.23 5.70
N LEU B 98 8.88 -0.90 5.64
CA LEU B 98 7.71 -0.24 6.20
C LEU B 98 6.42 -0.69 5.51
N ALA B 99 6.48 -0.84 4.18
CA ALA B 99 5.32 -1.19 3.38
C ALA B 99 4.95 -2.67 3.49
N GLY B 100 5.91 -3.52 3.83
CA GLY B 100 5.68 -4.95 3.74
C GLY B 100 5.48 -5.43 2.32
N ASP B 101 6.06 -4.74 1.35
CA ASP B 101 5.92 -5.10 -0.05
C ASP B 101 7.09 -4.48 -0.80
N SER B 102 7.63 -5.20 -1.77
CA SER B 102 8.79 -4.72 -2.50
C SER B 102 8.46 -3.75 -3.63
N SER B 103 7.20 -3.44 -3.91
CA SER B 103 6.89 -2.68 -5.13
C SER B 103 7.64 -1.34 -5.19
N VAL B 104 7.71 -0.60 -4.08
CA VAL B 104 8.39 0.70 -4.14
C VAL B 104 9.87 0.53 -4.50
N LEU B 105 10.52 -0.48 -3.93
CA LEU B 105 11.91 -0.77 -4.25
C LEU B 105 12.08 -1.18 -5.70
N ASP B 106 11.20 -2.06 -6.20
CA ASP B 106 11.30 -2.50 -7.59
C ASP B 106 11.08 -1.34 -8.54
N ASP B 107 10.02 -0.56 -8.31
CA ASP B 107 9.58 0.43 -9.28
C ASP B 107 10.45 1.67 -9.32
N ARG B 108 10.88 2.15 -8.15
CA ARG B 108 11.54 3.44 -8.05
C ARG B 108 13.06 3.32 -7.95
N CYS B 109 13.59 2.11 -7.76
CA CYS B 109 15.02 1.92 -7.53
C CYS B 109 15.63 0.83 -8.40
N LEU B 110 15.06 -0.38 -8.39
CA LEU B 110 15.76 -1.52 -9.00
C LEU B 110 15.51 -1.64 -10.50
N ASN B 111 14.32 -1.32 -10.98
CA ASN B 111 14.03 -1.48 -12.40
CA ASN B 111 14.03 -1.48 -12.40
C ASN B 111 14.92 -0.56 -13.23
N GLY B 112 15.67 -1.16 -14.17
CA GLY B 112 16.57 -0.41 -15.02
C GLY B 112 17.94 -0.13 -14.43
N LEU B 113 18.18 -0.48 -13.18
CA LEU B 113 19.45 -0.13 -12.56
C LEU B 113 20.60 -0.93 -13.16
N ARG B 114 20.36 -2.21 -13.45
CA ARG B 114 21.41 -3.01 -14.09
CA ARG B 114 21.40 -3.02 -14.09
C ARG B 114 21.87 -2.38 -15.40
N GLU B 115 20.93 -1.92 -16.21
CA GLU B 115 21.28 -1.30 -17.47
C GLU B 115 22.01 0.03 -17.27
N THR B 116 21.64 0.77 -16.21
CA THR B 116 22.35 2.01 -15.90
C THR B 116 23.82 1.72 -15.62
N TYR B 117 24.09 0.74 -14.77
CA TYR B 117 25.46 0.42 -14.42
C TYR B 117 26.23 -0.09 -15.63
N GLN B 118 25.57 -0.82 -16.52
CA GLN B 118 26.25 -1.30 -17.72
C GLN B 118 26.64 -0.15 -18.65
N ALA B 119 25.75 0.84 -18.80
CA ALA B 119 26.07 1.98 -19.65
C ALA B 119 27.24 2.78 -19.08
N LEU B 120 27.31 2.90 -17.76
CA LEU B 120 28.35 3.70 -17.10
C LEU B 120 29.68 2.97 -16.99
N GLY B 121 29.68 1.65 -17.03
CA GLY B 121 30.86 0.89 -16.71
C GLY B 121 31.02 0.56 -15.24
N THR B 122 29.99 0.74 -14.45
CA THR B 122 30.05 0.45 -13.02
C THR B 122 29.90 -1.06 -12.81
N PRO B 123 30.76 -1.68 -12.00
CA PRO B 123 30.68 -3.13 -11.81
C PRO B 123 29.53 -3.51 -10.89
N GLY B 124 28.44 -4.02 -11.47
CA GLY B 124 27.29 -4.37 -10.66
C GLY B 124 27.60 -5.46 -9.65
N SER B 125 28.53 -6.36 -9.99
CA SER B 125 28.91 -7.38 -9.02
C SER B 125 29.44 -6.75 -7.74
N SER B 126 30.22 -5.66 -7.88
CA SER B 126 30.76 -5.00 -6.69
C SER B 126 29.66 -4.28 -5.92
N VAL B 127 28.66 -3.73 -6.63
CA VAL B 127 27.52 -3.14 -5.92
C VAL B 127 26.81 -4.19 -5.09
N ALA B 128 26.67 -5.40 -5.63
CA ALA B 128 25.99 -6.46 -4.89
C ALA B 128 26.75 -6.80 -3.61
N VAL B 129 28.08 -6.78 -3.66
CA VAL B 129 28.86 -7.00 -2.44
C VAL B 129 28.54 -5.94 -1.40
N ALA B 130 28.49 -4.67 -1.82
CA ALA B 130 28.17 -3.59 -0.89
C ALA B 130 26.78 -3.79 -0.28
N ILE B 131 25.82 -4.21 -1.11
CA ILE B 131 24.45 -4.42 -0.63
C ILE B 131 24.43 -5.52 0.41
N GLN B 132 25.13 -6.62 0.14
CA GLN B 132 25.17 -7.73 1.09
C GLN B 132 25.80 -7.30 2.41
N LYS B 133 26.84 -6.47 2.36
CA LYS B 133 27.42 -5.97 3.61
C LYS B 133 26.41 -5.12 4.38
N MET B 134 25.70 -4.23 3.68
CA MET B 134 24.66 -3.46 4.36
C MET B 134 23.58 -4.36 4.94
N LYS B 135 23.19 -5.42 4.22
CA LYS B 135 22.19 -6.34 4.72
C LYS B 135 22.61 -6.90 6.07
N ASP B 136 23.82 -7.46 6.13
CA ASP B 136 24.26 -8.12 7.36
C ASP B 136 24.27 -7.13 8.53
N ALA B 137 24.76 -5.91 8.29
CA ALA B 137 24.81 -4.91 9.36
C ALA B 137 23.41 -4.47 9.77
N ALA B 138 22.53 -4.25 8.80
CA ALA B 138 21.19 -3.78 9.10
C ALA B 138 20.41 -4.83 9.89
N ILE B 139 20.54 -6.11 9.56
CA ILE B 139 19.84 -7.15 10.29
C ILE B 139 20.39 -7.29 11.71
N ALA B 140 21.71 -7.19 11.86
CA ALA B 140 22.29 -7.27 13.21
C ALA B 140 21.78 -6.12 14.07
N ILE B 141 21.62 -4.94 13.49
CA ILE B 141 21.11 -3.79 14.23
C ILE B 141 19.61 -3.95 14.51
N ALA B 142 18.83 -4.32 13.49
CA ALA B 142 17.38 -4.43 13.68
C ALA B 142 17.03 -5.51 14.69
N ASN B 143 17.79 -6.60 14.72
CA ASN B 143 17.49 -7.77 15.54
C ASN B 143 18.31 -7.81 16.82
N ASP B 144 18.95 -6.72 17.20
CA ASP B 144 19.70 -6.64 18.44
C ASP B 144 18.78 -6.86 19.64
N PRO B 145 19.01 -7.88 20.47
CA PRO B 145 18.09 -8.14 21.59
C PRO B 145 18.18 -7.11 22.72
N ASN B 146 19.22 -6.27 22.75
CA ASN B 146 19.36 -5.31 23.82
C ASN B 146 18.45 -4.11 23.61
N GLY B 147 17.87 -3.61 24.70
CA GLY B 147 17.17 -2.34 24.64
C GLY B 147 15.80 -2.39 23.99
N ILE B 148 15.11 -3.52 24.08
CA ILE B 148 13.83 -3.70 23.40
C ILE B 148 13.09 -4.83 24.08
N THR B 149 11.76 -4.77 24.04
CA THR B 149 10.96 -5.82 24.66
C THR B 149 11.25 -7.15 23.98
N PRO B 150 11.62 -8.19 24.72
CA PRO B 150 11.98 -9.46 24.08
C PRO B 150 10.83 -10.10 23.30
N GLY B 151 11.16 -10.60 22.12
CA GLY B 151 10.23 -11.38 21.32
C GLY B 151 10.93 -11.84 20.06
N ASP B 152 10.19 -12.60 19.25
CA ASP B 152 10.74 -13.26 18.08
C ASP B 152 10.47 -12.43 16.83
N CYS B 153 11.55 -11.94 16.22
CA CYS B 153 11.48 -11.19 14.97
C CYS B 153 12.07 -11.96 13.79
N SER B 154 12.16 -13.29 13.89
CA SER B 154 12.86 -14.07 12.89
C SER B 154 12.18 -14.00 11.53
N ALA B 155 10.84 -14.09 11.50
CA ALA B 155 10.13 -13.98 10.24
C ALA B 155 10.41 -12.63 9.59
N LEU B 156 10.36 -11.56 10.38
CA LEU B 156 10.60 -10.23 9.84
C LEU B 156 12.03 -10.11 9.31
N MET B 157 13.01 -10.69 10.01
CA MET B 157 14.38 -10.60 9.54
C MET B 157 14.55 -11.35 8.21
N SER B 158 13.86 -12.48 8.05
CA SER B 158 13.89 -13.19 6.77
C SER B 158 13.30 -12.34 5.66
N GLU B 159 12.22 -11.62 5.96
CA GLU B 159 11.62 -10.71 4.99
C GLU B 159 12.59 -9.60 4.63
N ILE B 160 13.25 -9.03 5.64
CA ILE B 160 14.22 -7.96 5.41
C ILE B 160 15.37 -8.46 4.54
N ALA B 161 15.92 -9.63 4.89
CA ALA B 161 17.01 -10.18 4.07
C ALA B 161 16.55 -10.36 2.62
N GLY B 162 15.29 -10.78 2.43
CA GLY B 162 14.79 -10.95 1.07
C GLY B 162 14.84 -9.67 0.25
N TYR B 163 14.49 -8.53 0.86
CA TYR B 163 14.53 -7.27 0.13
C TYR B 163 15.96 -6.92 -0.27
N PHE B 164 16.91 -7.09 0.66
CA PHE B 164 18.32 -6.84 0.33
C PHE B 164 18.81 -7.77 -0.76
N ASP B 165 18.45 -9.06 -0.68
CA ASP B 165 18.88 -10.00 -1.70
C ASP B 165 18.27 -9.67 -3.05
N ARG B 166 17.03 -9.19 -3.04
CA ARG B 166 16.38 -8.76 -4.27
C ARG B 166 17.16 -7.62 -4.93
N ALA B 167 17.57 -6.64 -4.13
CA ALA B 167 18.37 -5.54 -4.66
C ALA B 167 19.72 -6.03 -5.18
N ALA B 168 20.38 -6.93 -4.44
CA ALA B 168 21.66 -7.43 -4.89
C ALA B 168 21.53 -8.22 -6.20
N ALA B 169 20.47 -9.00 -6.33
CA ALA B 169 20.27 -9.76 -7.56
C ALA B 169 19.97 -8.84 -8.74
N ALA B 170 19.34 -7.69 -8.48
CA ALA B 170 18.95 -6.78 -9.55
C ALA B 170 20.13 -6.04 -10.16
N VAL B 171 21.25 -5.94 -9.46
CA VAL B 171 22.40 -5.18 -9.95
C VAL B 171 23.54 -6.08 -10.41
N ALA B 172 23.61 -7.32 -9.94
CA ALA B 172 24.80 -8.16 -10.09
C ALA B 172 25.01 -8.67 -11.52
CHA CYC C . -24.38 0.55 -16.38
NA CYC C . -22.73 1.00 -14.48
C1A CYC C . -23.15 0.85 -15.86
C2A CYC C . -21.91 1.10 -16.64
C3A CYC C . -20.82 1.37 -15.76
C4A CYC C . -21.35 1.27 -14.41
CMA CYC C . -19.42 1.71 -16.20
CAA CYC C . -21.89 1.11 -18.14
CBA CYC C . -21.12 -0.07 -18.72
CGA CYC C . -21.76 -1.39 -18.30
O1A CYC C . -21.17 -2.09 -17.45
O2A CYC C . -22.87 -1.74 -18.80
CHB CYC C . -20.72 1.42 -13.07
NB CYC C . -18.53 0.30 -13.72
C1B CYC C . -19.45 1.02 -12.81
C2B CYC C . -18.73 1.24 -11.56
C3B CYC C . -17.42 0.73 -11.70
C4B CYC C . -17.23 0.14 -13.04
CMB CYC C . -19.38 1.93 -10.40
CAB CYC C . -16.33 0.80 -10.64
CBB CYC C . -15.78 -0.56 -10.26
OB CYC C . -16.26 -0.36 -13.54
NC CYC C . -30.12 2.03 -13.21
C1C CYC C . -31.15 2.25 -12.53
C2C CYC C . -30.77 1.87 -10.94
C3C CYC C . -29.44 2.02 -10.90
C4C CYC C . -28.96 1.54 -12.36
CMC CYC C . -31.65 2.75 -9.98
CAC CYC C . -28.66 1.21 -9.76
CBC CYC C . -28.44 2.16 -8.60
OC CYC C . -32.25 2.67 -12.88
CHD CYC C . -27.75 1.12 -12.73
ND CYC C . -25.92 0.90 -14.31
C1D CYC C . -27.26 0.78 -14.12
C2D CYC C . -27.87 0.36 -15.32
C3D CYC C . -26.85 0.25 -16.26
C4D CYC C . -25.65 0.60 -15.59
CMD CYC C . -29.34 0.06 -15.53
CAD CYC C . -26.96 -0.18 -17.72
CBD CYC C . -26.81 1.03 -18.66
CGD CYC C . -27.15 0.66 -20.09
O1D CYC C . -27.62 1.56 -20.83
O2D CYC C . -26.93 -0.50 -20.54
HHA CYC C . -24.42 0.27 -17.32
HMA1 CYC C . -19.47 2.38 -16.93
HMA2 CYC C . -18.98 0.89 -16.53
HMA3 CYC C . -18.92 2.07 -15.44
HAA1 CYC C . -22.80 1.08 -18.48
HAA2 CYC C . -21.45 1.94 -18.45
HBA1 CYC C . -21.13 -0.02 -19.71
HBA2 CYC C . -20.19 -0.05 -18.41
HHB CYC C . -21.24 1.80 -12.35
HB CYC C . -18.74 0.00 -14.56
HMB1 CYC C . -19.70 2.81 -10.68
HMB2 CYC C . -18.74 2.03 -9.67
HMB3 CYC C . -20.15 1.40 -10.09
HAB1 CYC C . -15.60 1.35 -10.99
HAB2 CYC C . -16.70 1.21 -9.84
HBB1 CYC C . -15.21 -0.89 -11.00
HBB2 CYC C . -16.52 -1.19 -10.12
HBB3 CYC C . -15.25 -0.48 -9.45
HC CYC C . -29.96 2.38 -14.03
H2C CYC C . -30.99 0.97 -10.61
H3C CYC C . -29.22 2.95 -10.68
HMC1 CYC C . -31.51 2.47 -9.06
HMC2 CYC C . -32.59 2.65 -10.22
HMC3 CYC C . -31.39 3.69 -10.09
HAC2 CYC C . -27.81 0.88 -10.10
HBC1 CYC C . -29.30 2.38 -8.18
HBC2 CYC C . -28.00 2.97 -8.92
HBC3 CYC C . -27.86 1.72 -7.92
HHD CYC C . -27.10 1.02 -12.01
HD CYC C . -25.32 1.13 -13.68
HMD1 CYC C . -29.44 -0.77 -16.02
HMD2 CYC C . -29.78 -0.02 -14.65
HMD3 CYC C . -29.76 0.80 -16.02
HAD1 CYC C . -26.25 -0.83 -17.91
HAD2 CYC C . -27.83 -0.59 -17.86
HBD1 CYC C . -27.41 1.74 -18.35
HBD2 CYC C . -25.88 1.35 -18.62
N GLY D . 5.52 12.69 6.22
CA GLY D . 5.36 12.92 7.64
C GLY D . 4.18 12.18 8.24
O GLY D . 3.42 11.51 7.54
OXT GLY D . 3.95 12.24 9.45
H1 GLY D . 5.32 11.90 5.96
H2 GLY D . 6.32 13.14 5.91
H3 GLY D . 4.76 13.04 5.75
HA2 GLY D . 6.15 12.64 8.10
HA3 GLY D . 5.23 13.86 7.80
N LYS E . -14.83 12.65 -1.29
CA LYS E . -14.85 13.44 -2.51
C LYS E . -13.53 13.30 -3.26
O LYS E . -13.29 12.27 -3.89
CB LYS E . -15.13 14.92 -2.18
CG LYS E . -14.85 15.32 -0.73
CD LYS E . -15.48 16.68 -0.38
CE LYS E . -15.28 17.76 -1.44
NZ LYS E . -16.48 18.65 -1.52
OXT LYS E . -12.68 14.20 -3.27
H1 LYS E . -15.51 12.14 -1.19
H2 LYS E . -14.03 12.86 -0.80
H3 LYS E . -14.82 11.72 -1.52
HA LYS E . -15.57 13.13 -3.09
HB2 LYS E . -16.08 15.08 -2.35
HB3 LYS E . -14.59 15.47 -2.76
HG2 LYS E . -13.89 15.40 -0.61
HG3 LYS E . -15.21 14.66 -0.13
HD2 LYS E . -16.43 16.57 -0.26
HD3 LYS E . -15.08 17.01 0.45
HE2 LYS E . -14.51 18.31 -1.20
HE3 LYS E . -15.14 17.35 -2.31
HZ1 LYS E . -16.73 18.90 -0.70
HZ2 LYS E . -17.17 18.22 -1.90
HZ3 LYS E . -16.30 19.38 -2.01
CHA CYC F . 26.38 6.71 -11.17
NA CYC F . 24.27 5.61 -10.11
C1A CYC F . 25.02 6.49 -11.06
C2A CYC F . 23.98 7.10 -11.96
C3A CYC F . 22.68 6.64 -11.56
C4A CYC F . 22.85 5.72 -10.40
CMA CYC F . 21.40 7.08 -12.27
CAA CYC F . 24.33 8.07 -13.09
CBA CYC F . 24.09 9.51 -12.63
CGA CYC F . 25.29 10.08 -11.85
O1A CYC F . 25.22 11.22 -11.34
O2A CYC F . 26.36 9.42 -11.70
CHB CYC F . 21.84 4.93 -9.56
NB CYC F . 20.17 6.88 -9.56
C1B CYC F . 20.63 5.48 -9.23
C2B CYC F . 19.53 4.84 -8.52
C3B CYC F . 18.46 5.72 -8.39
C4B CYC F . 18.77 7.02 -9.03
CMB CYC F . 19.56 3.43 -7.99
CAB CYC F . 17.13 5.37 -7.71
CBB CYC F . 16.34 6.64 -7.47
OB CYC F . 18.07 8.01 -9.10
NC CYC F . 31.05 2.63 -8.39
C1C CYC F . 31.78 1.77 -7.90
C2C CYC F . 30.94 0.96 -6.65
C3C CYC F . 29.74 1.48 -6.58
C4C CYC F . 29.70 2.68 -7.67
CMC CYC F . 31.00 -0.57 -6.96
CAC CYC F . 29.31 2.04 -5.13
CBC CYC F . 28.99 0.84 -4.27
OC CYC F . 32.89 1.45 -8.23
CHD CYC F . 28.61 3.41 -7.98
ND CYC F . 27.28 4.87 -9.46
C1D CYC F . 28.51 4.57 -9.00
C2D CYC F . 29.41 5.46 -9.59
C3D CYC F . 28.70 6.29 -10.42
C4D CYC F . 27.36 5.91 -10.32
CMD CYC F . 30.91 5.55 -9.38
CAD CYC F . 29.27 7.44 -11.25
CBD CYC F . 29.76 7.01 -12.62
CGD CYC F . 30.53 8.15 -13.27
O1D CYC F . 31.20 7.92 -14.31
O2D CYC F . 30.53 9.33 -12.78
HHA CYC F . 26.71 7.39 -11.79
HMA1 CYC F . 20.68 6.45 -12.04
HMA2 CYC F . 21.16 7.98 -11.98
HMA3 CYC F . 21.55 7.07 -13.24
HAA1 CYC F . 25.27 7.95 -13.35
HAA2 CYC F . 23.76 7.87 -13.86
HBA1 CYC F . 23.94 10.07 -13.42
HBA2 CYC F . 23.30 9.53 -12.05
HHB CYC F . 22.07 4.05 -9.25
HB CYC F . 20.66 7.52 -9.99
HMB1 CYC F . 19.81 2.82 -8.71
HMB2 CYC F . 18.67 3.18 -7.65
HMB3 CYC F . 20.21 3.37 -7.27
HAB1 CYC F . 16.62 4.76 -8.29
HAB2 CYC F . 17.31 4.93 -6.85
HBB1 CYC F . 15.58 6.44 -6.89
HBB2 CYC F . 16.91 7.31 -7.06
HBB3 CYC F . 16.00 6.98 -8.33
HC CYC F . 31.33 3.33 -8.90
H2C CYC F . 31.34 1.08 -5.77
H3C CYC F . 29.09 0.77 -6.77
HMC1 CYC F . 30.76 -0.72 -7.89
HMC2 CYC F . 31.90 -0.90 -6.80
HMC3 CYC F . 30.37 -1.04 -6.38
HAC2 CYC F . 28.53 2.63 -5.21
HBC1 CYC F . 29.77 0.62 -3.71
HBC2 CYC F . 28.78 0.07 -4.85
HBC3 CYC F . 28.22 1.03 -3.70
HHD CYC F . 27.80 3.19 -7.50
HD CYC F . 26.50 4.45 -9.22
HMD1 CYC F . 31.14 5.29 -8.45
HMD2 CYC F . 31.22 6.47 -9.53
HMD3 CYC F . 31.37 4.94 -10.00
HAD1 CYC F . 30.02 7.83 -10.75
HAD2 CYC F . 28.57 8.12 -11.37
HBD1 CYC F . 30.35 6.23 -12.52
HBD2 CYC F . 28.99 6.77 -13.18
CHA CYC G . 7.18 -3.76 21.29
NA CYC G . 7.85 -1.77 19.80
C1A CYC G . 7.08 -2.47 20.85
C2A CYC G . 6.13 -1.44 21.39
C3A CYC G . 6.26 -0.19 20.69
C4A CYC G . 7.33 -0.42 19.72
CMA CYC G . 5.48 1.05 21.02
CAA CYC G . 5.15 -1.72 22.51
CBA CYC G . 5.72 -1.24 23.85
CGA CYC G . 7.04 -1.96 24.19
O1A CYC G . 7.01 -3.19 24.43
O2A CYC G . 8.11 -1.30 24.27
CHB CYC G . 7.97 0.52 18.73
NB CYC G . 5.96 2.01 18.22
C1B CYC G . 7.38 1.58 18.13
C2B CYC G . 8.03 2.54 17.23
C3B CYC G . 7.11 3.50 16.80
C4B CYC G . 5.79 3.22 17.39
CMB CYC G . 9.50 2.43 16.90
CAB CYC G . 7.35 4.66 15.83
CBB CYC G . 7.43 5.99 16.53
OB CYC G . 4.74 3.80 17.25
NC CYC G . 12.13 -7.61 20.27
C1C CYC G . 13.14 -8.36 20.19
C2C CYC G . 13.76 -8.33 18.59
C3C CYC G . 13.17 -7.31 17.98
C4C CYC G . 11.88 -6.95 18.90
CMC CYC G . 15.33 -8.28 18.64
CAC CYC G . 12.78 -7.60 16.44
CBC CYC G . 12.46 -6.30 15.70
OC CYC G . 13.60 -9.03 21.10
CHD CYC G . 10.81 -6.19 18.59
ND CYC G . 9.15 -4.68 19.77
C1D CYC G . 9.64 -5.93 19.55
C2D CYC G . 8.87 -6.82 20.29
C3D CYC G . 7.91 -6.10 20.98
C4D CYC G . 8.12 -4.76 20.63
CMD CYC G . 9.06 -8.32 20.32
CAD CYC G . 6.85 -6.69 21.90
CBD CYC G . 5.74 -7.37 21.10
CGD CYC G . 4.95 -6.37 20.29
O1D CYC G . 4.46 -5.35 20.85
O2D CYC G . 4.76 -6.59 19.07
HHA CYC G . 6.65 -4.04 22.06
HMA1 CYC G . 4.60 1.01 20.57
HMA2 CYC G . 5.97 1.85 20.70
HMA3 CYC G . 5.34 1.12 22.00
HAA1 CYC G . 4.99 -2.69 22.57
HAA2 CYC G . 4.30 -1.26 22.34
HBA1 CYC G . 5.08 -1.40 24.56
HBA2 CYC G . 5.91 -0.27 23.79
HHB CYC G . 8.89 0.35 18.49
HB CYC G . 5.32 1.59 18.72
HMB1 CYC G . 10.01 2.34 17.73
HMB2 CYC G . 9.79 3.24 16.44
HMB3 CYC G . 9.65 1.66 16.33
HAB1 CYC G . 6.63 4.67 15.18
HAB2 CYC G . 8.20 4.49 15.37
HBB1 CYC G . 8.31 6.10 16.96
HBB2 CYC G . 7.30 6.72 15.88
HBB3 CYC G . 6.73 6.04 17.22
HC CYC G . 11.79 -7.27 21.03
H2C CYC G . 13.57 -9.13 18.07
H3C CYC G . 13.77 -6.55 17.90
HMC1 CYC G . 15.69 -8.57 17.78
HMC2 CYC G . 15.62 -7.37 18.83
HMC3 CYC G . 15.65 -8.88 19.35
HAC2 CYC G . 13.55 -8.03 16.00
HBC1 CYC G . 12.79 -5.54 16.22
HBC2 CYC G . 12.90 -6.31 14.82
HBC3 CYC G . 11.49 -6.22 15.58
HHD CYC G . 10.77 -5.79 17.69
HD CYC G . 9.49 -3.92 19.41
HMD1 CYC G . 8.27 -8.76 19.90
HMD2 CYC G . 9.87 -8.56 19.80
HMD3 CYC G . 9.16 -8.64 21.24
HAD1 CYC G . 7.27 -7.34 22.49
HAD2 CYC G . 6.46 -5.96 22.43
HBD1 CYC G . 6.15 -8.02 20.49
HBD2 CYC G . 5.15 -7.84 21.72
N LYS H . -14.84 -16.54 -1.78
CA LYS H . -15.72 -15.40 -1.99
C LYS H . -15.97 -15.19 -3.48
O LYS H . -15.77 -16.10 -4.29
CB LYS H . -15.13 -14.14 -1.36
CG LYS H . -15.71 -13.80 0.02
CD LYS H . -17.15 -13.32 -0.12
CE LYS H . -17.76 -12.96 1.22
NZ LYS H . -19.18 -12.55 1.05
OXT LYS H . -16.39 -14.11 -3.92
H1 LYS H . -15.20 -17.20 -1.36
H2 LYS H . -14.18 -16.33 -1.11
H3 LYS H . -14.39 -16.76 -2.60
HA LYS H . -16.58 -15.57 -1.57
HB2 LYS H . -15.30 -13.38 -1.94
HB3 LYS H . -14.17 -14.27 -1.25
HG2 LYS H . -15.19 -13.10 0.43
HG3 LYS H . -15.70 -14.60 0.58
HD2 LYS H . -17.17 -12.54 -0.67
HD3 LYS H . -17.69 -14.03 -0.51
HE2 LYS H . -17.73 -13.74 1.81
HE3 LYS H . -17.27 -12.23 1.61
HZ1 LYS H . -19.46 -12.08 1.76
HZ2 LYS H . -19.70 -13.27 0.97
HZ3 LYS H . -19.27 -12.05 0.32
#